data_3BL9
#
_entry.id   3BL9
#
_cell.length_a   49.406
_cell.length_b   56.867
_cell.length_c   59.504
_cell.angle_alpha   62.350
_cell.angle_beta   77.930
_cell.angle_gamma   79.540
#
_symmetry.space_group_name_H-M   'P 1'
#
loop_
_entity.id
_entity.type
_entity.pdbx_description
1 polymer 'Scavenger mRNA-decapping enzyme DcpS'
2 non-polymer 5-{[1-(2,3-dichlorobenzyl)piperidin-4-yl]methoxy}quinazoline-2,4-diamine
3 water water
#
_entity_poly.entity_id   1
_entity_poly.type   'polypeptide(L)'
_entity_poly.pdbx_seq_one_letter_code
;SAPVRLPFSGFRLQKVLRESARDKIIFLHGKVNEASGDGDGEDAVVILEKTPFQVEQVAQLLTGSPELQLQFSNDIYSTY
HLFPPRQLNDVKTTVVYPATEKHLQKYLRQDLRLIRETGDDYRNITLPHLESQSLSIQWVYNILDKKAEADRIVFENPDP
SDGFVLIPDLKWNQQQLDDLYLIAICHRRGIRSLRDLTPEHLPLLRNILHQGQEAILQRYRMKGDHLRVYLHYLPSYYHL
HVHFTALGFEAPGSGVERAHLLAEVIENLECDPRHYQQRTLTFALRADDPLLKLLQEAQQS
;
_entity_poly.pdbx_strand_id   A,B
#
# COMPACT_ATOMS: atom_id res chain seq x y z
N LEU A 6 -28.27 12.27 -6.52
CA LEU A 6 -28.16 10.79 -6.45
C LEU A 6 -28.99 10.14 -7.57
N PRO A 7 -28.67 8.88 -7.92
CA PRO A 7 -29.39 8.20 -9.00
C PRO A 7 -30.68 7.49 -8.53
N PHE A 8 -31.15 7.83 -7.33
CA PHE A 8 -32.31 7.19 -6.72
C PHE A 8 -32.87 8.06 -5.59
N SER A 9 -34.00 7.65 -5.01
CA SER A 9 -34.62 8.39 -3.91
C SER A 9 -34.72 7.56 -2.63
N GLY A 10 -34.42 8.21 -1.50
CA GLY A 10 -34.76 7.68 -0.18
C GLY A 10 -33.93 6.51 0.28
N PHE A 11 -32.66 6.80 0.58
CA PHE A 11 -31.73 5.81 1.12
C PHE A 11 -32.12 5.34 2.54
N ARG A 12 -32.55 4.09 2.66
CA ARG A 12 -32.83 3.47 3.95
C ARG A 12 -31.72 2.49 4.29
N LEU A 13 -31.00 2.76 5.38
CA LEU A 13 -29.87 1.92 5.78
C LEU A 13 -30.35 0.51 6.03
N GLN A 14 -29.73 -0.43 5.35
CA GLN A 14 -29.91 -1.85 5.62
C GLN A 14 -28.79 -2.36 6.51
N LYS A 15 -27.56 -1.97 6.18
CA LYS A 15 -26.40 -2.53 6.84
C LYS A 15 -25.14 -1.67 6.62
N VAL A 16 -24.34 -1.52 7.68
CA VAL A 16 -22.97 -1.03 7.55
C VAL A 16 -22.14 -2.24 7.11
N LEU A 17 -21.69 -2.23 5.85
CA LEU A 17 -20.94 -3.36 5.32
C LEU A 17 -19.51 -3.39 5.85
N ARG A 18 -18.92 -2.21 5.98
CA ARG A 18 -17.54 -2.11 6.42
C ARG A 18 -17.24 -0.67 6.85
N GLU A 19 -16.35 -0.53 7.83
CA GLU A 19 -15.93 0.80 8.31
C GLU A 19 -14.46 0.70 8.69
N SER A 20 -13.71 1.77 8.48
CA SER A 20 -12.34 1.88 8.99
C SER A 20 -12.06 3.25 9.60
N ALA A 21 -11.73 3.26 10.88
CA ALA A 21 -11.26 4.47 11.55
C ALA A 21 -9.86 4.90 11.08
N ARG A 22 -9.00 3.96 10.69
CA ARG A 22 -7.70 4.32 10.15
C ARG A 22 -7.80 5.04 8.82
N ASP A 23 -8.60 4.47 7.91
CA ASP A 23 -8.75 5.02 6.57
C ASP A 23 -9.85 6.12 6.49
N LYS A 24 -10.66 6.24 7.54
CA LYS A 24 -11.79 7.22 7.55
C LYS A 24 -12.72 6.97 6.37
N ILE A 25 -13.21 5.74 6.31
CA ILE A 25 -14.07 5.31 5.26
C ILE A 25 -15.20 4.47 5.83
N ILE A 26 -16.34 4.52 5.15
CA ILE A 26 -17.49 3.70 5.51
C ILE A 26 -18.23 3.23 4.25
N PHE A 27 -18.67 1.98 4.28
CA PHE A 27 -19.41 1.33 3.19
C PHE A 27 -20.81 0.95 3.70
N LEU A 28 -21.84 1.53 3.07
CA LEU A 28 -23.22 1.32 3.50
C LEU A 28 -24.04 0.58 2.43
N HIS A 29 -24.84 -0.38 2.86
CA HIS A 29 -25.86 -0.97 2.02
C HIS A 29 -27.20 -0.29 2.39
N GLY A 30 -27.83 0.38 1.43
CA GLY A 30 -29.16 0.91 1.65
C GLY A 30 -30.18 0.42 0.63
N LYS A 31 -31.45 0.50 1.02
CA LYS A 31 -32.60 0.36 0.10
C LYS A 31 -32.99 1.72 -0.48
N VAL A 32 -33.24 1.73 -1.78
CA VAL A 32 -33.60 2.95 -2.48
C VAL A 32 -34.88 2.76 -3.31
N ASN A 33 -35.43 3.86 -3.84
CA ASN A 33 -36.59 3.81 -4.76
C ASN A 33 -37.69 2.83 -4.33
N GLU A 34 -37.95 2.76 -3.03
CA GLU A 34 -38.99 1.86 -2.50
C GLU A 34 -40.27 2.64 -2.20
N GLU A 42 -34.81 -1.38 -4.32
CA GLU A 42 -33.54 -1.58 -5.05
C GLU A 42 -32.37 -1.44 -4.10
N ASP A 43 -31.30 -2.19 -4.30
CA ASP A 43 -30.12 -2.08 -3.44
C ASP A 43 -29.09 -1.15 -4.04
N ALA A 44 -28.44 -0.40 -3.16
CA ALA A 44 -27.37 0.47 -3.52
C ALA A 44 -26.28 0.34 -2.46
N VAL A 45 -25.03 0.51 -2.89
CA VAL A 45 -23.93 0.64 -1.94
C VAL A 45 -23.47 2.10 -2.03
N VAL A 46 -23.26 2.73 -0.86
CA VAL A 46 -22.73 4.07 -0.81
C VAL A 46 -21.47 4.08 0.03
N ILE A 47 -20.40 4.61 -0.56
CA ILE A 47 -19.09 4.60 0.09
C ILE A 47 -18.68 6.06 0.32
N LEU A 48 -18.36 6.40 1.56
CA LEU A 48 -17.93 7.76 1.92
C LEU A 48 -16.53 7.73 2.47
N GLU A 49 -15.65 8.56 1.92
CA GLU A 49 -14.26 8.61 2.34
C GLU A 49 -13.84 10.07 2.62
N LYS A 50 -13.26 10.32 3.78
CA LYS A 50 -12.68 11.63 4.04
C LYS A 50 -11.54 11.81 3.05
N THR A 51 -11.31 13.04 2.65
CA THR A 51 -10.33 13.33 1.63
C THR A 51 -8.97 13.73 2.23
N PRO A 52 -7.91 13.63 1.43
CA PRO A 52 -6.60 14.10 1.89
C PRO A 52 -6.60 15.60 2.11
N PHE A 53 -5.70 16.03 2.98
CA PHE A 53 -5.54 17.44 3.28
C PHE A 53 -5.00 18.27 2.11
N GLN A 54 -5.48 19.52 2.08
CA GLN A 54 -5.00 20.54 1.16
C GLN A 54 -4.02 21.42 1.92
N VAL A 55 -2.74 21.12 1.76
CA VAL A 55 -1.74 21.61 2.72
C VAL A 55 -1.68 23.14 2.80
N GLU A 56 -1.45 23.80 1.66
CA GLU A 56 -1.32 25.25 1.64
C GLU A 56 -2.57 25.98 2.14
N GLN A 57 -3.74 25.46 1.80
CA GLN A 57 -4.99 26.01 2.30
C GLN A 57 -5.17 25.79 3.80
N VAL A 58 -4.74 24.64 4.30
CA VAL A 58 -4.74 24.40 5.76
C VAL A 58 -3.84 25.42 6.47
N ALA A 59 -2.62 25.60 5.95
CA ALA A 59 -1.71 26.56 6.56
C ALA A 59 -2.30 27.98 6.54
N GLN A 60 -2.94 28.34 5.43
CA GLN A 60 -3.66 29.62 5.35
C GLN A 60 -4.73 29.77 6.43
N LEU A 61 -5.50 28.71 6.66
CA LEU A 61 -6.53 28.68 7.69
C LEU A 61 -5.95 28.85 9.10
N LEU A 62 -4.88 28.11 9.40
CA LEU A 62 -4.24 28.12 10.73
C LEU A 62 -3.71 29.51 11.14
N THR A 63 -3.25 30.28 10.15
CA THR A 63 -2.74 31.62 10.43
C THR A 63 -3.82 32.70 10.50
N GLY A 64 -5.09 32.31 10.41
CA GLY A 64 -6.20 33.24 10.37
C GLY A 64 -7.04 33.09 11.62
N SER A 65 -8.33 32.83 11.43
CA SER A 65 -9.26 32.67 12.55
C SER A 65 -10.00 31.32 12.51
N PRO A 66 -9.25 30.20 12.60
CA PRO A 66 -9.90 28.90 12.47
C PRO A 66 -10.89 28.69 13.60
N GLU A 67 -11.98 27.97 13.31
CA GLU A 67 -12.95 27.64 14.32
C GLU A 67 -12.54 26.40 15.12
N LEU A 68 -12.17 26.65 16.37
CA LEU A 68 -11.57 25.65 17.25
C LEU A 68 -12.37 25.48 18.55
N GLN A 69 -12.36 24.26 19.07
CA GLN A 69 -12.83 23.97 20.43
C GLN A 69 -11.71 23.19 21.13
N LEU A 70 -11.30 23.66 22.31
CA LEU A 70 -10.20 23.01 23.05
C LEU A 70 -10.70 21.75 23.74
N GLN A 71 -10.14 20.58 23.40
CA GLN A 71 -10.58 19.34 24.03
C GLN A 71 -9.75 19.07 25.29
N PHE A 72 -8.43 19.21 25.18
CA PHE A 72 -7.58 19.17 26.37
C PHE A 72 -6.23 19.80 26.15
N SER A 73 -5.55 20.09 27.25
CA SER A 73 -4.30 20.83 27.22
C SER A 73 -3.39 20.41 28.38
N ASN A 74 -2.10 20.32 28.10
CA ASN A 74 -1.09 20.01 29.12
C ASN A 74 0.29 20.52 28.69
N ASP A 75 0.67 21.63 29.30
CA ASP A 75 1.86 22.42 28.94
C ASP A 75 2.04 22.64 27.44
N ILE A 76 3.04 22.01 26.81
CA ILE A 76 3.33 22.28 25.40
C ILE A 76 2.37 21.55 24.44
N TYR A 77 1.57 20.63 24.97
CA TYR A 77 0.62 19.84 24.18
C TYR A 77 -0.81 20.33 24.35
N SER A 78 -1.51 20.54 23.24
CA SER A 78 -2.96 20.76 23.30
C SER A 78 -3.68 20.09 22.13
N THR A 79 -4.91 19.66 22.38
CA THR A 79 -5.75 19.00 21.39
C THR A 79 -7.02 19.80 21.18
N TYR A 80 -7.42 19.97 19.92
CA TYR A 80 -8.62 20.72 19.58
C TYR A 80 -9.52 19.96 18.63
N HIS A 81 -10.75 20.46 18.51
CA HIS A 81 -11.64 20.15 17.41
C HIS A 81 -11.58 21.32 16.45
N LEU A 82 -11.27 21.06 15.19
CA LEU A 82 -11.24 22.11 14.18
C LEU A 82 -12.43 21.89 13.26
N PHE A 83 -13.17 22.97 12.97
CA PHE A 83 -14.28 22.89 12.04
C PHE A 83 -13.95 23.79 10.84
N PRO A 84 -13.37 23.21 9.78
CA PRO A 84 -12.90 24.04 8.65
C PRO A 84 -14.02 24.63 7.78
N PRO A 85 -13.66 25.61 6.93
CA PRO A 85 -14.64 26.13 6.01
C PRO A 85 -15.01 25.09 4.97
N ARG A 86 -16.22 25.24 4.45
CA ARG A 86 -16.88 24.30 3.53
C ARG A 86 -15.95 23.72 2.48
N GLN A 87 -15.13 24.56 1.86
CA GLN A 87 -14.28 24.12 0.76
C GLN A 87 -13.21 23.09 1.16
N LEU A 88 -12.97 22.92 2.46
CA LEU A 88 -11.98 21.96 2.94
C LEU A 88 -12.58 20.66 3.51
N ASN A 89 -13.90 20.51 3.39
CA ASN A 89 -14.64 19.43 4.04
C ASN A 89 -15.14 18.35 3.08
N ASP A 90 -14.66 18.41 1.83
CA ASP A 90 -15.07 17.46 0.79
C ASP A 90 -14.97 16.00 1.29
N VAL A 91 -16.04 15.23 1.07
CA VAL A 91 -16.08 13.80 1.34
C VAL A 91 -16.29 13.10 -0.01
N LYS A 92 -15.34 12.24 -0.39
CA LYS A 92 -15.43 11.50 -1.62
C LYS A 92 -16.52 10.43 -1.48
N THR A 93 -17.54 10.52 -2.33
CA THR A 93 -18.70 9.68 -2.25
C THR A 93 -18.86 8.85 -3.50
N THR A 94 -18.90 7.53 -3.34
CA THR A 94 -19.03 6.62 -4.48
C THR A 94 -20.31 5.81 -4.31
N VAL A 95 -21.09 5.72 -5.38
CA VAL A 95 -22.35 5.01 -5.37
C VAL A 95 -22.34 3.87 -6.37
N VAL A 96 -22.73 2.69 -5.90
CA VAL A 96 -22.91 1.50 -6.74
C VAL A 96 -24.39 1.18 -6.79
N TYR A 97 -25.00 1.40 -7.96
CA TYR A 97 -26.44 1.24 -8.11
C TYR A 97 -26.87 0.97 -9.58
N PRO A 98 -27.71 -0.05 -9.79
CA PRO A 98 -28.18 -1.01 -8.78
C PRO A 98 -27.05 -1.94 -8.34
N ALA A 99 -27.01 -2.28 -7.04
CA ALA A 99 -26.01 -3.19 -6.47
C ALA A 99 -26.53 -4.63 -6.43
N THR A 100 -25.74 -5.56 -6.95
CA THR A 100 -26.07 -6.99 -6.91
C THR A 100 -25.69 -7.56 -5.56
N GLU A 101 -26.06 -8.82 -5.34
CA GLU A 101 -25.62 -9.55 -4.16
C GLU A 101 -24.10 -9.71 -4.11
N LYS A 102 -23.46 -9.87 -5.27
CA LYS A 102 -22.00 -9.91 -5.36
C LYS A 102 -21.38 -8.64 -4.75
N HIS A 103 -22.00 -7.48 -5.02
CA HIS A 103 -21.50 -6.20 -4.50
C HIS A 103 -21.62 -6.14 -2.98
N LEU A 104 -22.78 -6.56 -2.49
CA LEU A 104 -23.06 -6.59 -1.06
C LEU A 104 -22.06 -7.49 -0.31
N GLN A 105 -21.74 -8.68 -0.85
CA GLN A 105 -20.77 -9.57 -0.20
C GLN A 105 -19.34 -9.08 -0.34
N LYS A 106 -19.04 -8.47 -1.48
CA LYS A 106 -17.69 -8.00 -1.80
C LYS A 106 -17.18 -6.95 -0.82
N TYR A 107 -18.07 -6.04 -0.44
CA TYR A 107 -17.71 -4.91 0.41
C TYR A 107 -17.85 -5.22 1.91
N LEU A 108 -18.46 -6.36 2.24
CA LEU A 108 -18.56 -6.83 3.61
C LEU A 108 -17.17 -7.09 4.19
N ARG A 109 -16.90 -6.58 5.39
CA ARG A 109 -15.63 -6.84 6.07
C ARG A 109 -15.45 -8.35 6.19
N GLN A 110 -14.23 -8.81 5.94
CA GLN A 110 -13.94 -10.23 5.98
C GLN A 110 -12.47 -10.47 6.22
N ASP A 111 -12.19 -11.55 6.93
CA ASP A 111 -10.85 -11.94 7.26
C ASP A 111 -10.16 -12.55 6.04
N LEU A 112 -8.91 -12.16 5.82
CA LEU A 112 -8.08 -12.65 4.71
C LEU A 112 -7.09 -13.72 5.16
N ARG A 113 -6.83 -14.66 4.26
CA ARG A 113 -5.84 -15.71 4.46
C ARG A 113 -4.95 -15.74 3.23
N LEU A 114 -3.66 -16.01 3.40
CA LEU A 114 -2.75 -16.20 2.27
C LEU A 114 -2.83 -17.60 1.70
N ILE A 115 -2.56 -17.69 0.41
CA ILE A 115 -2.51 -18.96 -0.28
C ILE A 115 -1.38 -18.87 -1.30
N ARG A 116 -0.71 -20.00 -1.54
CA ARG A 116 0.34 -20.11 -2.52
C ARG A 116 -0.13 -21.01 -3.66
N GLU A 117 -0.44 -20.39 -4.79
CA GLU A 117 -1.01 -21.06 -5.95
C GLU A 117 0.10 -21.50 -6.93
N THR A 118 0.34 -22.80 -7.04
CA THR A 118 1.28 -23.32 -8.03
C THR A 118 0.72 -23.13 -9.45
N GLY A 119 1.58 -23.29 -10.46
CA GLY A 119 1.13 -23.20 -11.86
C GLY A 119 0.03 -24.21 -12.19
N ASP A 120 0.13 -25.40 -11.61
CA ASP A 120 -0.87 -26.46 -11.79
C ASP A 120 -2.15 -26.17 -11.01
N ASP A 121 -2.01 -25.63 -9.80
CA ASP A 121 -3.19 -25.16 -9.04
C ASP A 121 -3.98 -24.18 -9.89
N TYR A 122 -3.29 -23.25 -10.56
CA TYR A 122 -3.98 -22.25 -11.37
C TYR A 122 -4.78 -22.89 -12.51
N ARG A 123 -4.08 -23.69 -13.33
CA ARG A 123 -4.69 -24.38 -14.46
C ARG A 123 -5.85 -25.33 -14.10
N ASN A 124 -5.68 -26.05 -13.00
CA ASN A 124 -6.62 -27.12 -12.64
C ASN A 124 -7.67 -26.70 -11.62
N ILE A 125 -7.40 -25.66 -10.82
CA ILE A 125 -8.35 -25.26 -9.80
C ILE A 125 -8.87 -23.83 -10.03
N THR A 126 -7.96 -22.86 -10.09
CA THR A 126 -8.37 -21.45 -10.14
C THR A 126 -9.05 -21.07 -11.45
N LEU A 127 -8.42 -21.40 -12.57
CA LEU A 127 -8.96 -21.04 -13.88
C LEU A 127 -10.36 -21.63 -14.14
N PRO A 128 -10.54 -22.96 -13.93
CA PRO A 128 -11.92 -23.50 -13.98
C PRO A 128 -12.91 -22.76 -13.09
N HIS A 129 -12.46 -22.32 -11.93
CA HIS A 129 -13.35 -21.64 -11.00
C HIS A 129 -13.69 -20.24 -11.55
N LEU A 130 -12.67 -19.56 -12.09
CA LEU A 130 -12.91 -18.29 -12.77
C LEU A 130 -13.87 -18.44 -13.94
N GLU A 131 -13.53 -19.37 -14.83
CA GLU A 131 -14.28 -19.63 -16.07
C GLU A 131 -15.75 -19.95 -15.77
N SER A 132 -16.02 -20.48 -14.58
CA SER A 132 -17.36 -20.82 -14.13
C SER A 132 -18.20 -19.63 -13.73
N GLN A 133 -17.55 -18.49 -13.46
CA GLN A 133 -18.27 -17.28 -13.03
C GLN A 133 -18.63 -16.37 -14.19
N SER A 134 -19.66 -15.57 -13.98
CA SER A 134 -20.10 -14.55 -14.95
C SER A 134 -20.00 -13.14 -14.34
N LEU A 135 -18.90 -12.50 -14.66
CA LEU A 135 -18.54 -11.22 -14.04
C LEU A 135 -18.62 -10.08 -15.08
N SER A 136 -19.24 -8.97 -14.70
CA SER A 136 -19.33 -7.80 -15.58
C SER A 136 -18.09 -6.93 -15.44
N ILE A 137 -17.47 -6.63 -16.58
CA ILE A 137 -16.50 -5.55 -16.68
C ILE A 137 -16.98 -4.46 -17.66
N GLN A 138 -18.30 -4.26 -17.72
CA GLN A 138 -18.87 -3.27 -18.67
C GLN A 138 -18.25 -1.87 -18.52
N TRP A 139 -17.97 -1.46 -17.29
CA TRP A 139 -17.31 -0.19 -17.08
C TRP A 139 -15.96 -0.10 -17.73
N VAL A 140 -15.25 -1.22 -17.77
CA VAL A 140 -13.93 -1.28 -18.43
C VAL A 140 -14.10 -1.05 -19.94
N TYR A 141 -14.99 -1.84 -20.55
CA TYR A 141 -15.28 -1.72 -21.98
C TYR A 141 -15.81 -0.33 -22.32
N ASN A 142 -16.55 0.29 -21.41
CA ASN A 142 -17.09 1.62 -21.68
C ASN A 142 -15.94 2.64 -21.84
N ILE A 143 -14.89 2.48 -21.02
CA ILE A 143 -13.71 3.34 -21.15
C ILE A 143 -13.00 3.10 -22.47
N LEU A 144 -12.77 1.85 -22.82
CA LEU A 144 -12.00 1.51 -24.02
C LEU A 144 -12.77 1.94 -25.26
N ASP A 145 -14.10 1.83 -25.22
CA ASP A 145 -14.94 2.09 -26.41
C ASP A 145 -15.41 3.53 -26.48
N LYS A 146 -15.01 4.34 -25.50
CA LYS A 146 -15.41 5.75 -25.39
C LYS A 146 -16.88 6.00 -25.12
N LYS A 147 -17.54 5.06 -24.42
CA LYS A 147 -18.94 5.21 -24.05
C LYS A 147 -19.12 5.88 -22.70
N ALA A 148 -18.05 5.89 -21.91
CA ALA A 148 -18.02 6.59 -20.59
C ALA A 148 -16.61 7.11 -20.32
N GLU A 149 -16.53 8.25 -19.63
CA GLU A 149 -15.25 8.86 -19.21
C GLU A 149 -14.30 9.26 -20.33
N ALA A 150 -14.76 9.36 -21.59
CA ALA A 150 -13.82 9.68 -22.68
C ALA A 150 -13.07 11.00 -22.43
N ASP A 151 -13.79 11.97 -21.89
CA ASP A 151 -13.21 13.27 -21.53
C ASP A 151 -12.13 13.19 -20.45
N ARG A 152 -12.13 12.12 -19.65
CA ARG A 152 -11.20 11.99 -18.51
C ARG A 152 -9.85 11.32 -18.87
N ILE A 153 -9.73 10.81 -20.09
CA ILE A 153 -8.53 10.08 -20.52
C ILE A 153 -7.33 11.01 -20.54
N VAL A 154 -6.26 10.54 -19.92
CA VAL A 154 -5.05 11.32 -19.77
C VAL A 154 -4.10 11.03 -20.92
N PHE A 155 -4.01 9.77 -21.31
CA PHE A 155 -3.18 9.32 -22.44
C PHE A 155 -3.79 8.07 -23.09
N GLU A 156 -3.66 7.96 -24.41
CA GLU A 156 -4.05 6.73 -25.11
C GLU A 156 -3.05 6.37 -26.21
N ASN A 157 -2.70 5.10 -26.24
CA ASN A 157 -2.11 4.48 -27.41
C ASN A 157 -3.22 3.61 -28.00
N PRO A 158 -3.76 4.01 -29.16
CA PRO A 158 -4.91 3.27 -29.67
C PRO A 158 -4.64 1.99 -30.43
N ASP A 159 -3.38 1.55 -30.49
CA ASP A 159 -3.09 0.27 -31.15
C ASP A 159 -3.94 -0.82 -30.52
N PRO A 160 -4.72 -1.55 -31.33
CA PRO A 160 -5.58 -2.57 -30.73
C PRO A 160 -4.87 -3.71 -30.01
N SER A 161 -3.63 -4.01 -30.41
CA SER A 161 -2.86 -5.09 -29.80
C SER A 161 -1.97 -4.67 -28.63
N ASP A 162 -1.18 -3.62 -28.84
CA ASP A 162 -0.15 -3.18 -27.88
C ASP A 162 -0.50 -1.85 -27.25
N GLY A 163 -1.75 -1.43 -27.38
CA GLY A 163 -2.18 -0.12 -26.94
C GLY A 163 -2.97 -0.15 -25.65
N PHE A 164 -3.30 1.03 -25.14
CA PHE A 164 -3.93 1.14 -23.83
C PHE A 164 -4.52 2.52 -23.64
N VAL A 165 -5.36 2.64 -22.62
CA VAL A 165 -5.92 3.92 -22.17
C VAL A 165 -5.39 4.19 -20.75
N LEU A 166 -4.83 5.38 -20.52
CA LEU A 166 -4.39 5.78 -19.18
C LEU A 166 -5.43 6.77 -18.64
N ILE A 167 -5.97 6.51 -17.45
CA ILE A 167 -7.10 7.29 -16.93
C ILE A 167 -7.02 7.33 -15.40
N PRO A 168 -7.35 8.49 -14.78
CA PRO A 168 -7.35 8.49 -13.32
C PRO A 168 -8.28 7.42 -12.75
N ASP A 169 -7.84 6.73 -11.72
CA ASP A 169 -8.66 5.69 -11.13
C ASP A 169 -9.79 6.34 -10.34
N LEU A 170 -10.92 5.64 -10.24
CA LEU A 170 -12.08 6.03 -9.45
C LEU A 170 -11.71 6.47 -8.05
N LYS A 171 -10.72 5.79 -7.45
CA LYS A 171 -10.24 6.11 -6.10
C LYS A 171 -9.72 7.53 -5.94
N TRP A 172 -9.18 8.12 -7.00
CA TRP A 172 -8.47 9.39 -6.90
C TRP A 172 -9.35 10.56 -7.25
N ASN A 173 -9.51 11.52 -6.33
CA ASN A 173 -10.32 12.73 -6.66
C ASN A 173 -9.57 13.77 -7.51
N GLN A 174 -8.29 13.50 -7.79
CA GLN A 174 -7.45 14.34 -8.67
C GLN A 174 -7.10 15.71 -8.11
N GLN A 175 -7.41 15.94 -6.84
CA GLN A 175 -7.26 17.25 -6.24
C GLN A 175 -5.86 17.52 -5.65
N GLN A 176 -5.03 16.48 -5.58
CA GLN A 176 -3.66 16.62 -5.05
C GLN A 176 -2.81 15.46 -5.56
N LEU A 177 -1.49 15.68 -5.64
CA LEU A 177 -0.59 14.68 -6.16
C LEU A 177 -0.18 13.63 -5.13
N ASP A 178 -0.48 13.88 -3.85
CA ASP A 178 -0.01 12.97 -2.78
C ASP A 178 -0.54 11.57 -2.91
N ASP A 179 -1.72 11.44 -3.51
CA ASP A 179 -2.39 10.14 -3.75
C ASP A 179 -2.62 9.90 -5.25
N LEU A 180 -1.75 10.45 -6.08
CA LEU A 180 -1.87 10.29 -7.52
C LEU A 180 -2.03 8.83 -7.85
N TYR A 181 -3.04 8.52 -8.66
CA TYR A 181 -3.43 7.14 -8.93
C TYR A 181 -4.18 7.07 -10.26
N LEU A 182 -3.48 6.57 -11.28
CA LEU A 182 -4.10 6.31 -12.58
C LEU A 182 -4.01 4.81 -12.86
N ILE A 183 -4.89 4.34 -13.73
CA ILE A 183 -4.81 2.97 -14.24
C ILE A 183 -4.61 3.03 -15.76
N ALA A 184 -3.79 2.10 -16.26
CA ALA A 184 -3.66 1.78 -17.67
C ALA A 184 -4.46 0.53 -17.94
N ILE A 185 -5.43 0.63 -18.83
CA ILE A 185 -6.25 -0.50 -19.24
C ILE A 185 -5.87 -0.87 -20.69
N CYS A 186 -5.43 -2.11 -20.93
CA CYS A 186 -5.04 -2.46 -22.32
C CYS A 186 -6.27 -2.53 -23.25
N HIS A 187 -6.10 -2.17 -24.52
CA HIS A 187 -7.16 -2.34 -25.49
C HIS A 187 -7.46 -3.78 -25.81
N ARG A 188 -6.42 -4.61 -25.86
CA ARG A 188 -6.55 -6.03 -26.17
C ARG A 188 -7.46 -6.72 -25.16
N ARG A 189 -8.39 -7.55 -25.66
CA ARG A 189 -9.38 -8.22 -24.83
C ARG A 189 -8.91 -9.63 -24.48
N GLY A 190 -9.39 -10.10 -23.33
CA GLY A 190 -9.21 -11.48 -22.89
C GLY A 190 -7.92 -11.83 -22.15
N ILE A 191 -7.14 -10.80 -21.80
CA ILE A 191 -5.98 -10.97 -20.90
C ILE A 191 -6.53 -10.75 -19.49
N ARG A 192 -6.69 -11.84 -18.74
CA ARG A 192 -7.45 -11.80 -17.49
C ARG A 192 -6.63 -11.30 -16.30
N SER A 193 -5.34 -11.62 -16.32
CA SER A 193 -4.43 -11.41 -15.17
C SER A 193 -2.98 -11.68 -15.58
N LEU A 194 -2.05 -11.53 -14.62
CA LEU A 194 -0.67 -12.06 -14.71
C LEU A 194 -0.50 -13.43 -15.37
N ARG A 195 -1.36 -14.36 -14.98
CA ARG A 195 -1.31 -15.75 -15.44
C ARG A 195 -1.40 -15.90 -16.94
N ASP A 196 -2.01 -14.92 -17.63
CA ASP A 196 -2.10 -14.94 -19.08
C ASP A 196 -0.92 -14.30 -19.81
N LEU A 197 0.01 -13.69 -19.08
CA LEU A 197 1.13 -13.01 -19.72
C LEU A 197 2.21 -13.94 -20.25
N THR A 198 2.61 -13.70 -21.49
CA THR A 198 3.73 -14.38 -22.14
C THR A 198 4.60 -13.29 -22.82
N PRO A 199 5.71 -13.71 -23.45
CA PRO A 199 6.51 -12.74 -24.20
C PRO A 199 5.76 -12.01 -25.32
N GLU A 200 4.63 -12.59 -25.78
CA GLU A 200 3.75 -11.95 -26.76
C GLU A 200 3.31 -10.58 -26.29
N HIS A 201 3.21 -10.42 -24.97
CA HIS A 201 2.70 -9.20 -24.37
C HIS A 201 3.77 -8.22 -23.97
N LEU A 202 5.03 -8.56 -24.21
CA LEU A 202 6.12 -7.64 -23.86
C LEU A 202 6.03 -6.24 -24.49
N PRO A 203 5.72 -6.14 -25.80
CA PRO A 203 5.54 -4.79 -26.35
C PRO A 203 4.45 -3.94 -25.66
N LEU A 204 3.32 -4.57 -25.37
CA LEU A 204 2.24 -3.94 -24.59
C LEU A 204 2.68 -3.50 -23.20
N LEU A 205 3.36 -4.38 -22.46
CA LEU A 205 3.80 -4.07 -21.11
C LEU A 205 4.83 -2.94 -21.13
N ARG A 206 5.76 -3.00 -22.10
CA ARG A 206 6.74 -1.94 -22.26
C ARG A 206 6.06 -0.62 -22.60
N ASN A 207 5.06 -0.67 -23.49
CA ASN A 207 4.33 0.54 -23.87
C ASN A 207 3.67 1.16 -22.63
N ILE A 208 2.97 0.33 -21.89
CA ILE A 208 2.33 0.79 -20.67
C ILE A 208 3.35 1.46 -19.73
N LEU A 209 4.46 0.79 -19.44
CA LEU A 209 5.44 1.33 -18.50
C LEU A 209 6.04 2.67 -18.98
N HIS A 210 6.55 2.70 -20.21
CA HIS A 210 7.27 3.88 -20.69
C HIS A 210 6.38 5.01 -21.16
N GLN A 211 5.36 4.71 -21.95
CA GLN A 211 4.44 5.74 -22.41
C GLN A 211 3.60 6.26 -21.22
N GLY A 212 3.27 5.35 -20.30
CA GLY A 212 2.45 5.69 -19.12
C GLY A 212 3.20 6.66 -18.24
N GLN A 213 4.47 6.36 -17.99
CA GLN A 213 5.30 7.24 -17.16
C GLN A 213 5.59 8.56 -17.85
N GLU A 214 5.86 8.54 -19.17
CA GLU A 214 6.08 9.80 -19.88
C GLU A 214 4.83 10.69 -19.85
N ALA A 215 3.65 10.09 -20.01
CA ALA A 215 2.39 10.83 -19.94
C ALA A 215 2.22 11.53 -18.59
N ILE A 216 2.57 10.84 -17.51
CA ILE A 216 2.44 11.36 -16.16
C ILE A 216 3.48 12.48 -15.95
N LEU A 217 4.69 12.29 -16.46
CA LEU A 217 5.71 13.34 -16.37
C LEU A 217 5.23 14.62 -17.07
N GLN A 218 4.69 14.48 -18.28
CA GLN A 218 4.26 15.66 -19.02
C GLN A 218 3.06 16.37 -18.40
N ARG A 219 2.10 15.60 -17.90
CA ARG A 219 0.86 16.17 -17.38
C ARG A 219 0.99 16.72 -15.97
N TYR A 220 1.60 15.92 -15.10
CA TYR A 220 1.68 16.17 -13.67
C TYR A 220 3.06 16.62 -13.19
N ARG A 221 4.07 16.55 -14.07
CA ARG A 221 5.45 16.91 -13.70
C ARG A 221 6.03 15.93 -12.65
N MET A 222 5.51 14.70 -12.63
CA MET A 222 5.96 13.70 -11.66
C MET A 222 6.90 12.72 -12.36
N LYS A 223 8.13 12.63 -11.85
CA LYS A 223 9.13 11.78 -12.45
C LYS A 223 8.93 10.33 -12.08
N GLY A 224 9.52 9.44 -12.88
CA GLY A 224 9.27 8.03 -12.76
C GLY A 224 9.74 7.50 -11.42
N ASP A 225 10.78 8.12 -10.86
CA ASP A 225 11.30 7.70 -9.55
C ASP A 225 10.40 8.17 -8.38
N HIS A 226 9.33 8.88 -8.69
CA HIS A 226 8.26 9.21 -7.75
C HIS A 226 7.03 8.30 -7.88
N LEU A 227 7.11 7.28 -8.76
CA LEU A 227 6.00 6.38 -9.03
C LEU A 227 6.29 4.93 -8.64
N ARG A 228 5.25 4.29 -8.12
CA ARG A 228 5.20 2.86 -7.93
C ARG A 228 4.21 2.33 -8.95
N VAL A 229 4.71 1.54 -9.90
CA VAL A 229 3.88 1.07 -11.03
C VAL A 229 3.75 -0.46 -11.00
N TYR A 230 2.52 -0.98 -10.85
CA TYR A 230 2.34 -2.38 -10.49
C TYR A 230 0.99 -2.96 -10.91
N LEU A 231 0.93 -4.29 -11.00
CA LEU A 231 -0.33 -4.99 -11.17
C LEU A 231 -0.72 -5.69 -9.87
N HIS A 232 -2.02 -5.99 -9.74
CA HIS A 232 -2.57 -6.77 -8.65
C HIS A 232 -2.67 -8.24 -9.07
N TYR A 233 -2.36 -9.11 -8.13
CA TYR A 233 -2.78 -10.50 -8.24
C TYR A 233 -3.17 -11.00 -6.84
N LEU A 234 -4.42 -11.45 -6.64
CA LEU A 234 -5.45 -11.48 -7.68
C LEU A 234 -5.96 -10.09 -8.03
N PRO A 235 -6.36 -9.86 -9.29
CA PRO A 235 -6.97 -8.55 -9.59
C PRO A 235 -8.41 -8.47 -9.09
N SER A 236 -8.90 -7.25 -8.90
CA SER A 236 -10.30 -7.04 -8.54
C SER A 236 -11.22 -7.20 -9.72
N TYR A 237 -10.66 -7.08 -10.93
CA TYR A 237 -11.40 -7.33 -12.17
C TYR A 237 -10.45 -7.95 -13.18
N TYR A 238 -10.98 -8.87 -13.98
CA TYR A 238 -10.16 -9.73 -14.83
C TYR A 238 -10.02 -9.23 -16.27
N HIS A 239 -9.52 -7.99 -16.36
CA HIS A 239 -9.01 -7.44 -17.62
C HIS A 239 -7.73 -6.70 -17.28
N LEU A 240 -6.62 -7.14 -17.84
CA LEU A 240 -5.30 -6.62 -17.49
C LEU A 240 -5.28 -5.10 -17.34
N HIS A 241 -4.76 -4.64 -16.21
CA HIS A 241 -4.64 -3.21 -15.93
C HIS A 241 -3.43 -3.02 -15.03
N VAL A 242 -2.87 -1.82 -15.09
CA VAL A 242 -1.69 -1.48 -14.31
C VAL A 242 -1.98 -0.20 -13.50
N HIS A 243 -1.60 -0.24 -12.22
CA HIS A 243 -1.72 0.87 -11.27
C HIS A 243 -0.46 1.75 -11.31
N PHE A 244 -0.67 3.05 -11.55
CA PHE A 244 0.38 4.06 -11.49
C PHE A 244 0.07 4.91 -10.27
N THR A 245 0.90 4.76 -9.24
CA THR A 245 0.70 5.44 -7.95
C THR A 245 1.89 6.25 -7.48
N ALA A 246 1.61 7.37 -6.79
CA ALA A 246 2.65 8.12 -6.12
C ALA A 246 3.35 7.16 -5.15
N LEU A 247 4.67 7.16 -5.16
CA LEU A 247 5.45 6.33 -4.22
C LEU A 247 5.11 6.65 -2.75
N GLY A 248 4.85 7.92 -2.48
CA GLY A 248 4.44 8.38 -1.14
C GLY A 248 3.06 7.97 -0.64
N PHE A 249 2.25 7.47 -1.55
CA PHE A 249 0.90 7.02 -1.27
C PHE A 249 0.93 5.55 -0.94
N GLU A 250 0.43 5.20 0.24
CA GLU A 250 0.23 3.81 0.64
C GLU A 250 -0.98 3.27 -0.13
N ALA A 251 -0.75 2.94 -1.40
CA ALA A 251 -1.82 2.77 -2.38
C ALA A 251 -2.54 1.43 -2.27
N PRO A 252 -3.74 1.32 -2.89
CA PRO A 252 -4.50 0.05 -2.77
C PRO A 252 -3.73 -1.15 -3.31
N GLY A 253 -3.66 -2.19 -2.47
CA GLY A 253 -3.03 -3.46 -2.88
C GLY A 253 -1.58 -3.30 -3.26
N SER A 254 -0.89 -2.32 -2.64
CA SER A 254 0.53 -2.13 -2.91
C SER A 254 1.44 -2.99 -2.02
N GLY A 255 0.86 -3.83 -1.16
CA GLY A 255 1.61 -4.73 -0.31
C GLY A 255 2.23 -5.85 -1.11
N VAL A 256 3.34 -6.39 -0.60
CA VAL A 256 4.06 -7.45 -1.31
C VAL A 256 3.15 -8.67 -1.65
N GLU A 257 2.13 -8.91 -0.83
CA GLU A 257 1.24 -10.06 -1.06
C GLU A 257 0.20 -9.84 -2.19
N ARG A 258 0.17 -8.66 -2.78
CA ARG A 258 -0.72 -8.40 -3.92
C ARG A 258 -0.06 -7.77 -5.13
N ALA A 259 0.91 -6.89 -4.90
CA ALA A 259 1.50 -6.07 -5.92
C ALA A 259 2.70 -6.71 -6.62
N HIS A 260 2.74 -6.54 -7.94
CA HIS A 260 3.84 -6.98 -8.78
C HIS A 260 4.29 -5.82 -9.65
N LEU A 261 5.53 -5.38 -9.44
CA LEU A 261 6.01 -4.21 -10.13
C LEU A 261 6.04 -4.52 -11.64
N LEU A 262 5.50 -3.62 -12.46
CA LEU A 262 5.52 -3.80 -13.93
C LEU A 262 6.93 -4.04 -14.50
N ALA A 263 7.92 -3.28 -14.05
CA ALA A 263 9.29 -3.48 -14.52
C ALA A 263 9.79 -4.89 -14.26
N GLU A 264 9.41 -5.46 -13.13
CA GLU A 264 9.83 -6.82 -12.78
C GLU A 264 9.05 -7.85 -13.55
N VAL A 265 7.76 -7.58 -13.81
CA VAL A 265 6.98 -8.49 -14.65
C VAL A 265 7.66 -8.62 -16.02
N ILE A 266 8.03 -7.48 -16.58
CA ILE A 266 8.72 -7.40 -17.89
C ILE A 266 10.04 -8.21 -17.86
N GLU A 267 10.91 -7.89 -16.88
CA GLU A 267 12.19 -8.60 -16.74
C GLU A 267 12.04 -10.10 -16.46
N ASN A 268 11.03 -10.49 -15.69
CA ASN A 268 10.75 -11.92 -15.41
C ASN A 268 10.44 -12.65 -16.71
N LEU A 269 9.60 -12.03 -17.54
CA LEU A 269 9.23 -12.60 -18.86
C LEU A 269 10.42 -12.67 -19.81
N GLU A 270 11.30 -11.69 -19.73
CA GLU A 270 12.50 -11.67 -20.55
C GLU A 270 13.46 -12.79 -20.14
N CYS A 271 13.53 -13.07 -18.83
CA CYS A 271 14.41 -14.12 -18.32
C CYS A 271 13.82 -15.52 -18.46
N ASP A 272 12.49 -15.63 -18.34
CA ASP A 272 11.78 -16.91 -18.44
C ASP A 272 10.40 -16.72 -19.06
N PRO A 273 10.24 -17.09 -20.35
CA PRO A 273 8.96 -16.93 -21.06
C PRO A 273 7.72 -17.51 -20.37
N ARG A 274 7.90 -18.61 -19.63
CA ARG A 274 6.80 -19.27 -18.92
C ARG A 274 6.69 -18.88 -17.45
N HIS A 275 7.43 -17.87 -17.03
CA HIS A 275 7.45 -17.44 -15.63
C HIS A 275 6.05 -17.44 -15.00
N TYR A 276 5.09 -16.74 -15.62
CA TYR A 276 3.76 -16.59 -15.00
C TYR A 276 2.81 -17.77 -15.20
N GLN A 277 3.18 -18.73 -16.05
CA GLN A 277 2.43 -20.00 -16.06
C GLN A 277 3.00 -21.03 -15.08
N GLN A 278 4.32 -21.01 -14.88
CA GLN A 278 5.00 -22.04 -14.14
C GLN A 278 5.17 -21.74 -12.65
N ARG A 279 5.42 -20.47 -12.32
CA ARG A 279 5.86 -20.12 -10.96
C ARG A 279 4.67 -20.03 -9.99
N THR A 280 4.94 -20.27 -8.71
CA THR A 280 3.94 -20.20 -7.68
C THR A 280 3.75 -18.73 -7.31
N LEU A 281 2.49 -18.29 -7.28
CA LEU A 281 2.12 -16.92 -6.91
C LEU A 281 1.43 -16.91 -5.53
N THR A 282 1.75 -15.90 -4.73
CA THR A 282 1.21 -15.77 -3.38
C THR A 282 0.25 -14.59 -3.29
N PHE A 283 -0.95 -14.86 -2.77
CA PHE A 283 -1.97 -13.83 -2.60
C PHE A 283 -2.95 -14.17 -1.49
N ALA A 284 -3.68 -13.13 -1.06
CA ALA A 284 -4.70 -13.23 -0.02
C ALA A 284 -6.09 -13.51 -0.62
N LEU A 285 -6.88 -14.30 0.10
CA LEU A 285 -8.25 -14.56 -0.25
C LEU A 285 -9.10 -14.32 0.99
N ARG A 286 -10.35 -13.90 0.79
CA ARG A 286 -11.30 -13.75 1.89
C ARG A 286 -11.65 -15.14 2.43
N ALA A 287 -11.83 -15.25 3.74
CA ALA A 287 -12.19 -16.53 4.36
C ALA A 287 -13.45 -17.16 3.75
N ASP A 288 -14.41 -16.32 3.33
CA ASP A 288 -15.66 -16.81 2.71
C ASP A 288 -15.59 -17.02 1.19
N ASP A 289 -14.39 -16.94 0.60
CA ASP A 289 -14.22 -17.16 -0.81
C ASP A 289 -14.09 -18.67 -1.07
N PRO A 290 -14.97 -19.23 -1.93
CA PRO A 290 -14.89 -20.66 -2.23
C PRO A 290 -13.58 -21.08 -2.91
N LEU A 291 -12.90 -20.15 -3.57
CA LEU A 291 -11.60 -20.48 -4.16
C LEU A 291 -10.58 -20.89 -3.08
N LEU A 292 -10.68 -20.28 -1.90
CA LEU A 292 -9.73 -20.55 -0.81
C LEU A 292 -9.81 -22.02 -0.39
N LYS A 293 -11.03 -22.50 -0.23
CA LYS A 293 -11.31 -23.92 0.08
C LYS A 293 -10.85 -24.85 -1.02
N LEU A 294 -11.17 -24.52 -2.27
CA LEU A 294 -10.76 -25.32 -3.42
C LEU A 294 -9.25 -25.49 -3.49
N LEU A 295 -8.50 -24.41 -3.26
CA LEU A 295 -7.03 -24.45 -3.27
C LEU A 295 -6.46 -25.20 -2.06
N GLN A 296 -6.97 -24.93 -0.86
CA GLN A 296 -6.54 -25.66 0.34
C GLN A 296 -6.73 -27.17 0.16
N GLU A 297 -7.90 -27.56 -0.36
CA GLU A 297 -8.18 -28.98 -0.65
C GLU A 297 -7.15 -29.61 -1.60
N ALA A 298 -6.79 -28.87 -2.65
CA ALA A 298 -5.86 -29.36 -3.65
C ALA A 298 -4.43 -28.90 -3.37
N VAL B 4 -10.79 28.31 21.37
CA VAL B 4 -11.05 29.53 20.55
C VAL B 4 -9.82 29.86 19.70
N ARG B 5 -8.68 30.05 20.34
CA ARG B 5 -7.45 30.37 19.60
C ARG B 5 -6.32 29.37 19.87
N LEU B 6 -5.44 29.22 18.88
CA LEU B 6 -4.23 28.41 19.00
C LEU B 6 -3.30 29.07 20.01
N PRO B 7 -2.39 28.29 20.61
CA PRO B 7 -1.60 28.78 21.74
C PRO B 7 -0.41 29.65 21.31
N PHE B 8 -0.55 30.31 20.16
CA PHE B 8 0.51 31.12 19.55
C PHE B 8 -0.09 31.96 18.41
N SER B 9 0.75 32.78 17.77
CA SER B 9 0.36 33.64 16.63
C SER B 9 1.16 33.49 15.33
N GLY B 10 0.45 33.41 14.20
CA GLY B 10 1.01 33.74 12.87
C GLY B 10 1.61 32.62 12.00
N PHE B 11 0.93 31.47 11.99
CA PHE B 11 1.46 30.22 11.41
C PHE B 11 1.95 30.34 9.96
N ARG B 12 3.26 30.14 9.78
CA ARG B 12 3.89 30.14 8.47
C ARG B 12 4.55 28.76 8.25
N LEU B 13 4.04 28.00 7.30
CA LEU B 13 4.51 26.64 7.03
C LEU B 13 5.99 26.60 6.64
N GLN B 14 6.78 25.81 7.38
CA GLN B 14 8.18 25.55 7.01
C GLN B 14 8.28 24.32 6.15
N LYS B 15 7.57 23.27 6.56
CA LYS B 15 7.73 21.97 5.96
C LYS B 15 6.58 21.06 6.37
N VAL B 16 6.09 20.25 5.43
CA VAL B 16 5.31 19.09 5.78
C VAL B 16 6.26 18.01 6.31
N LEU B 17 6.22 17.74 7.63
CA LEU B 17 7.06 16.71 8.24
C LEU B 17 6.71 15.30 7.75
N ARG B 18 5.42 15.04 7.66
CA ARG B 18 4.89 13.77 7.17
C ARG B 18 3.44 13.96 6.73
N GLU B 19 3.03 13.20 5.71
CA GLU B 19 1.63 13.18 5.30
C GLU B 19 1.28 11.75 4.92
N SER B 20 0.07 11.34 5.21
CA SER B 20 -0.50 10.10 4.70
C SER B 20 -1.89 10.37 4.11
N ALA B 21 -2.01 10.21 2.79
CA ALA B 21 -3.30 10.29 2.13
C ALA B 21 -4.15 9.08 2.46
N ARG B 22 -3.53 7.93 2.70
CA ARG B 22 -4.30 6.77 3.14
C ARG B 22 -5.00 7.01 4.50
N ASP B 23 -4.27 7.54 5.46
CA ASP B 23 -4.77 7.68 6.83
C ASP B 23 -5.41 9.05 7.10
N LYS B 24 -5.43 9.91 6.08
CA LYS B 24 -5.99 11.26 6.19
C LYS B 24 -5.37 12.05 7.37
N ILE B 25 -4.04 12.12 7.39
CA ILE B 25 -3.31 12.79 8.46
C ILE B 25 -2.13 13.56 7.90
N ILE B 26 -1.83 14.71 8.50
CA ILE B 26 -0.67 15.51 8.08
C ILE B 26 0.01 16.11 9.33
N PHE B 27 1.33 16.20 9.29
CA PHE B 27 2.14 16.73 10.39
C PHE B 27 2.85 17.94 9.82
N LEU B 28 2.54 19.14 10.31
CA LEU B 28 3.09 20.36 9.76
C LEU B 28 4.07 21.02 10.74
N HIS B 29 5.23 21.43 10.23
CA HIS B 29 6.17 22.26 10.97
C HIS B 29 5.95 23.69 10.53
N GLY B 30 5.50 24.54 11.44
CA GLY B 30 5.30 25.94 11.14
C GLY B 30 6.18 26.83 12.00
N LYS B 31 6.61 27.94 11.42
CA LYS B 31 7.21 29.04 12.20
C LYS B 31 6.09 29.93 12.76
N VAL B 32 6.27 30.33 14.01
CA VAL B 32 5.31 31.18 14.69
C VAL B 32 6.08 32.37 15.33
N ASN B 33 5.52 33.58 15.23
CA ASN B 33 6.07 34.79 15.89
C ASN B 33 7.32 35.36 15.23
N GLU B 42 10.16 30.88 16.69
CA GLU B 42 9.72 29.70 17.44
C GLU B 42 9.01 28.69 16.52
N ASP B 43 9.10 27.43 16.92
CA ASP B 43 8.64 26.29 16.14
C ASP B 43 7.42 25.67 16.79
N ALA B 44 6.44 25.32 15.95
CA ALA B 44 5.27 24.57 16.36
C ALA B 44 5.11 23.38 15.41
N VAL B 45 4.67 22.24 15.96
CA VAL B 45 4.11 21.17 15.14
C VAL B 45 2.59 21.17 15.31
N VAL B 46 1.86 21.19 14.19
CA VAL B 46 0.42 20.99 14.20
C VAL B 46 0.09 19.75 13.39
N ILE B 47 -0.62 18.82 14.03
CA ILE B 47 -1.00 17.53 13.45
C ILE B 47 -2.52 17.58 13.25
N LEU B 48 -2.95 17.37 12.00
CA LEU B 48 -4.36 17.38 11.69
C LEU B 48 -4.76 16.01 11.16
N GLU B 49 -5.84 15.46 11.68
CA GLU B 49 -6.32 14.16 11.28
C GLU B 49 -7.83 14.24 11.03
N LYS B 50 -8.28 13.76 9.88
CA LYS B 50 -9.72 13.71 9.61
C LYS B 50 -10.33 12.68 10.56
N THR B 51 -11.63 12.81 10.82
CA THR B 51 -12.30 11.93 11.78
C THR B 51 -13.10 10.83 11.10
N PRO B 52 -13.25 9.67 11.79
CA PRO B 52 -14.15 8.66 11.27
C PRO B 52 -15.60 9.13 11.19
N PHE B 53 -16.35 8.45 10.36
CA PHE B 53 -17.76 8.69 10.20
C PHE B 53 -18.53 8.05 11.33
N GLN B 54 -19.57 8.75 11.79
CA GLN B 54 -20.59 8.18 12.65
C GLN B 54 -21.75 7.74 11.80
N VAL B 55 -22.20 6.50 12.00
CA VAL B 55 -23.24 5.92 11.14
C VAL B 55 -24.54 6.76 11.10
N GLU B 56 -25.02 7.21 12.25
CA GLU B 56 -26.29 7.92 12.27
C GLU B 56 -26.19 9.22 11.49
N GLN B 57 -25.05 9.89 11.60
CA GLN B 57 -24.83 11.16 10.93
C GLN B 57 -24.84 11.00 9.42
N VAL B 58 -24.22 9.94 8.94
CA VAL B 58 -24.20 9.64 7.49
C VAL B 58 -25.59 9.19 6.99
N ALA B 59 -26.23 8.29 7.72
CA ALA B 59 -27.54 7.79 7.35
C ALA B 59 -28.55 8.93 7.25
N GLN B 60 -28.53 9.85 8.20
CA GLN B 60 -29.47 10.96 8.16
C GLN B 60 -29.12 11.96 7.04
N LEU B 61 -27.83 12.21 6.83
CA LEU B 61 -27.40 13.06 5.69
C LEU B 61 -27.93 12.51 4.36
N LEU B 62 -27.77 11.21 4.15
CA LEU B 62 -28.17 10.56 2.88
C LEU B 62 -29.68 10.57 2.63
N THR B 63 -30.49 10.82 3.66
CA THR B 63 -31.93 11.01 3.46
C THR B 63 -32.39 12.47 3.55
N GLY B 64 -31.44 13.42 3.59
CA GLY B 64 -31.80 14.82 3.86
C GLY B 64 -31.01 15.92 3.18
N SER B 65 -31.20 16.02 1.87
CA SER B 65 -30.69 17.11 1.05
C SER B 65 -29.16 17.30 1.09
N PRO B 66 -28.40 16.24 0.77
CA PRO B 66 -26.94 16.40 0.85
C PRO B 66 -26.40 17.19 -0.34
N GLU B 67 -25.37 17.99 -0.09
CA GLU B 67 -24.75 18.80 -1.12
C GLU B 67 -23.72 17.97 -1.87
N LEU B 68 -24.22 17.30 -2.92
CA LEU B 68 -23.48 16.34 -3.76
C LEU B 68 -23.24 16.92 -5.14
N GLN B 69 -22.04 16.71 -5.65
CA GLN B 69 -21.58 17.22 -6.95
C GLN B 69 -20.78 16.13 -7.69
N LEU B 70 -21.23 15.74 -8.88
CA LEU B 70 -20.60 14.66 -9.70
C LEU B 70 -19.14 14.89 -10.14
N GLN B 71 -18.30 13.89 -9.92
CA GLN B 71 -16.94 13.85 -10.47
C GLN B 71 -17.02 13.12 -11.82
N PHE B 72 -17.85 12.05 -11.88
CA PHE B 72 -18.21 11.34 -13.12
C PHE B 72 -19.07 10.10 -12.85
N SER B 73 -19.66 9.52 -13.89
CA SER B 73 -20.32 8.21 -13.79
C SER B 73 -19.93 7.28 -14.95
N ASN B 74 -20.20 6.00 -14.77
CA ASN B 74 -19.85 4.95 -15.74
C ASN B 74 -20.60 3.70 -15.35
N ASP B 75 -21.61 3.35 -16.14
CA ASP B 75 -22.38 2.14 -15.87
C ASP B 75 -23.03 2.34 -14.47
N ILE B 76 -22.91 1.35 -13.59
CA ILE B 76 -23.60 1.39 -12.26
C ILE B 76 -22.82 2.21 -11.22
N TYR B 77 -21.69 2.81 -11.61
CA TYR B 77 -20.79 3.56 -10.69
C TYR B 77 -20.85 5.05 -10.91
N SER B 78 -20.85 5.78 -9.81
CA SER B 78 -20.76 7.23 -9.87
C SER B 78 -20.03 7.72 -8.66
N THR B 79 -19.29 8.80 -8.84
CA THR B 79 -18.54 9.39 -7.76
C THR B 79 -18.77 10.89 -7.71
N TYR B 80 -18.79 11.40 -6.49
CA TYR B 80 -19.25 12.75 -6.17
C TYR B 80 -18.34 13.41 -5.17
N HIS B 81 -18.44 14.74 -5.13
CA HIS B 81 -17.93 15.54 -4.01
C HIS B 81 -19.12 15.83 -3.12
N LEU B 82 -18.97 15.55 -1.83
CA LEU B 82 -20.02 15.79 -0.86
C LEU B 82 -19.49 16.79 0.15
N PHE B 83 -20.29 17.83 0.42
CA PHE B 83 -19.92 18.85 1.40
C PHE B 83 -20.91 18.73 2.57
N PRO B 84 -20.52 17.97 3.60
CA PRO B 84 -21.43 17.67 4.70
C PRO B 84 -21.65 18.84 5.65
N PRO B 85 -22.72 18.76 6.44
CA PRO B 85 -22.89 19.71 7.55
C PRO B 85 -21.80 19.56 8.62
N ARG B 86 -21.75 20.55 9.51
CA ARG B 86 -20.63 20.76 10.41
C ARG B 86 -20.24 19.51 11.22
N GLN B 87 -21.23 18.71 11.60
CA GLN B 87 -21.01 17.62 12.52
C GLN B 87 -20.12 16.50 11.98
N LEU B 88 -19.97 16.44 10.67
CA LEU B 88 -19.12 15.43 10.01
C LEU B 88 -17.74 15.96 9.67
N ASN B 89 -17.50 17.24 9.98
CA ASN B 89 -16.33 17.97 9.50
C ASN B 89 -15.23 18.19 10.52
N ASP B 90 -15.46 17.74 11.76
CA ASP B 90 -14.46 17.77 12.83
C ASP B 90 -13.12 17.26 12.30
N VAL B 91 -12.06 18.02 12.57
CA VAL B 91 -10.67 17.62 12.31
C VAL B 91 -9.92 17.63 13.63
N LYS B 92 -9.39 16.48 14.03
CA LYS B 92 -8.60 16.37 15.27
C LYS B 92 -7.29 17.10 15.04
N THR B 93 -7.02 18.10 15.87
CA THR B 93 -5.91 19.02 15.70
C THR B 93 -5.02 19.03 16.95
N THR B 94 -3.77 18.56 16.83
CA THR B 94 -2.86 18.44 17.96
C THR B 94 -1.75 19.46 17.77
N VAL B 95 -1.54 20.31 18.77
CA VAL B 95 -0.51 21.33 18.67
C VAL B 95 0.59 21.00 19.68
N VAL B 96 1.83 21.02 19.21
CA VAL B 96 3.01 20.90 20.07
C VAL B 96 3.70 22.25 19.97
N TYR B 97 3.73 22.98 21.09
CA TYR B 97 4.36 24.30 21.09
C TYR B 97 4.91 24.69 22.47
N PRO B 98 6.21 25.04 22.54
CA PRO B 98 7.20 25.04 21.47
C PRO B 98 7.68 23.65 21.14
N ALA B 99 7.97 23.42 19.86
CA ALA B 99 8.51 22.15 19.40
C ALA B 99 10.03 22.23 19.45
N THR B 100 10.64 21.22 20.07
CA THR B 100 12.09 21.09 20.11
C THR B 100 12.57 20.35 18.86
N GLU B 101 13.88 20.35 18.62
CA GLU B 101 14.44 19.60 17.48
C GLU B 101 14.07 18.11 17.59
N LYS B 102 13.95 17.58 18.80
CA LYS B 102 13.56 16.18 18.99
C LYS B 102 12.15 15.93 18.44
N HIS B 103 11.20 16.84 18.71
CA HIS B 103 9.84 16.70 18.17
C HIS B 103 9.89 16.67 16.65
N LEU B 104 10.60 17.64 16.07
CA LEU B 104 10.68 17.78 14.62
C LEU B 104 11.30 16.54 13.98
N GLN B 105 12.23 15.90 14.70
CA GLN B 105 12.88 14.69 14.19
C GLN B 105 12.00 13.48 14.33
N LYS B 106 11.24 13.39 15.42
CA LYS B 106 10.38 12.23 15.65
C LYS B 106 9.24 12.15 14.61
N TYR B 107 8.81 13.30 14.09
CA TYR B 107 7.70 13.37 13.11
C TYR B 107 8.15 13.40 11.64
N LEU B 108 9.32 13.97 11.38
CA LEU B 108 9.84 14.13 10.03
C LEU B 108 10.04 12.79 9.31
N ARG B 109 9.53 12.69 8.09
CA ARG B 109 9.98 11.63 7.21
C ARG B 109 10.37 12.21 5.85
N GLN B 110 11.56 11.85 5.40
CA GLN B 110 12.07 12.31 4.13
C GLN B 110 11.22 11.72 2.99
N ASP B 111 11.08 12.48 1.92
CA ASP B 111 10.46 11.95 0.70
C ASP B 111 11.40 10.90 0.15
N LEU B 112 10.80 9.89 -0.48
CA LEU B 112 11.54 8.78 -1.04
C LEU B 112 11.55 8.84 -2.57
N ARG B 113 12.59 8.26 -3.14
CA ARG B 113 12.74 8.10 -4.59
C ARG B 113 13.07 6.65 -4.86
N LEU B 114 12.54 6.14 -5.96
CA LEU B 114 12.74 4.75 -6.33
C LEU B 114 14.03 4.65 -7.13
N ILE B 115 14.76 3.58 -6.92
CA ILE B 115 15.90 3.25 -7.76
C ILE B 115 15.80 1.76 -8.13
N ARG B 116 16.20 1.45 -9.38
CA ARG B 116 16.35 0.08 -9.86
C ARG B 116 17.85 -0.24 -10.02
N GLU B 117 18.34 -1.09 -9.12
CA GLU B 117 19.75 -1.43 -8.94
C GLU B 117 20.07 -2.74 -9.63
N THR B 118 20.84 -2.66 -10.71
CA THR B 118 21.30 -3.86 -11.38
C THR B 118 22.31 -4.58 -10.52
N GLY B 119 22.56 -5.85 -10.85
CA GLY B 119 23.60 -6.64 -10.18
C GLY B 119 24.93 -5.89 -10.19
N ASP B 120 25.25 -5.29 -11.32
CA ASP B 120 26.50 -4.54 -11.45
C ASP B 120 26.50 -3.24 -10.66
N ASP B 121 25.37 -2.52 -10.64
CA ASP B 121 25.23 -1.30 -9.80
C ASP B 121 25.52 -1.67 -8.34
N TYR B 122 25.02 -2.81 -7.90
CA TYR B 122 25.28 -3.25 -6.54
C TYR B 122 26.79 -3.46 -6.33
N ARG B 123 27.40 -4.25 -7.21
CA ARG B 123 28.82 -4.54 -7.08
C ARG B 123 29.70 -3.30 -7.16
N ASN B 124 29.38 -2.42 -8.10
CA ASN B 124 30.24 -1.29 -8.41
C ASN B 124 29.99 0.00 -7.67
N ILE B 125 28.76 0.19 -7.18
CA ILE B 125 28.37 1.45 -6.54
C ILE B 125 27.87 1.23 -5.12
N THR B 126 26.83 0.42 -4.97
CA THR B 126 26.21 0.24 -3.64
C THR B 126 27.14 -0.41 -2.60
N LEU B 127 27.71 -1.57 -2.92
CA LEU B 127 28.58 -2.29 -1.98
C LEU B 127 29.77 -1.43 -1.51
N PRO B 128 30.49 -0.78 -2.45
CA PRO B 128 31.55 0.11 -2.01
C PRO B 128 31.05 1.25 -1.11
N HIS B 129 29.87 1.76 -1.39
CA HIS B 129 29.30 2.80 -0.54
C HIS B 129 29.02 2.27 0.87
N LEU B 130 28.49 1.07 0.97
CA LEU B 130 28.26 0.43 2.28
C LEU B 130 29.57 0.20 3.02
N GLU B 131 30.58 -0.25 2.30
CA GLU B 131 31.91 -0.50 2.89
C GLU B 131 32.62 0.78 3.35
N SER B 132 32.19 1.91 2.77
CA SER B 132 32.71 3.21 3.17
C SER B 132 32.19 3.67 4.53
N GLN B 133 31.14 3.01 5.05
CA GLN B 133 30.54 3.34 6.35
C GLN B 133 30.98 2.34 7.42
N SER B 134 30.92 2.77 8.67
CA SER B 134 31.20 1.90 9.79
C SER B 134 29.95 1.85 10.65
N LEU B 135 29.18 0.80 10.48
CA LEU B 135 27.93 0.66 11.20
C LEU B 135 28.00 -0.51 12.17
N SER B 136 27.69 -0.28 13.43
CA SER B 136 27.77 -1.35 14.41
C SER B 136 26.47 -2.17 14.47
N ILE B 137 26.63 -3.49 14.47
CA ILE B 137 25.53 -4.39 14.77
C ILE B 137 25.81 -5.20 16.06
N GLN B 138 26.58 -4.63 16.98
CA GLN B 138 26.92 -5.36 18.21
C GLN B 138 25.67 -5.69 18.99
N TRP B 139 24.64 -4.85 18.89
CA TRP B 139 23.36 -5.18 19.54
C TRP B 139 22.79 -6.51 19.04
N VAL B 140 23.00 -6.79 17.75
CA VAL B 140 22.52 -8.02 17.15
C VAL B 140 23.29 -9.21 17.75
N TYR B 141 24.60 -9.11 17.75
CA TYR B 141 25.46 -10.14 18.33
C TYR B 141 25.17 -10.39 19.82
N ASN B 142 24.89 -9.34 20.57
CA ASN B 142 24.55 -9.51 21.98
C ASN B 142 23.27 -10.34 22.18
N ILE B 143 22.30 -10.21 21.28
CA ILE B 143 21.10 -11.01 21.34
C ILE B 143 21.43 -12.46 20.95
N LEU B 144 22.16 -12.62 19.87
CA LEU B 144 22.49 -13.95 19.36
C LEU B 144 23.28 -14.74 20.40
N ASP B 145 24.17 -14.04 21.11
CA ASP B 145 25.05 -14.61 22.15
C ASP B 145 24.37 -14.74 23.52
N LYS B 146 23.12 -14.29 23.63
CA LYS B 146 22.33 -14.39 24.87
C LYS B 146 22.88 -13.53 25.98
N LYS B 147 23.47 -12.40 25.61
CA LYS B 147 23.95 -11.45 26.61
C LYS B 147 22.90 -10.41 26.97
N ALA B 148 22.00 -10.16 26.02
CA ALA B 148 20.91 -9.21 26.14
C ALA B 148 19.65 -9.80 25.53
N GLU B 149 18.50 -9.46 26.11
CA GLU B 149 17.18 -9.83 25.60
C GLU B 149 16.91 -11.34 25.54
N ALA B 150 17.70 -12.16 26.23
CA ALA B 150 17.46 -13.61 26.27
C ALA B 150 16.07 -13.97 26.79
N ASP B 151 15.50 -13.11 27.64
CA ASP B 151 14.17 -13.34 28.19
C ASP B 151 13.04 -13.10 27.19
N ARG B 152 13.35 -12.44 26.07
CA ARG B 152 12.36 -12.09 25.04
C ARG B 152 12.31 -13.10 23.88
N ILE B 153 13.28 -14.00 23.80
CA ILE B 153 13.33 -14.97 22.69
C ILE B 153 12.14 -15.91 22.83
N VAL B 154 11.40 -16.10 21.74
CA VAL B 154 10.20 -16.94 21.70
C VAL B 154 10.58 -18.34 21.19
N PHE B 155 11.56 -18.37 20.28
CA PHE B 155 12.01 -19.59 19.67
C PHE B 155 13.46 -19.46 19.26
N GLU B 156 14.20 -20.57 19.35
CA GLU B 156 15.57 -20.62 18.84
C GLU B 156 15.88 -21.97 18.19
N ASN B 157 16.42 -21.92 16.99
CA ASN B 157 17.16 -23.06 16.40
C ASN B 157 18.63 -22.67 16.63
N PRO B 158 19.33 -23.40 17.54
CA PRO B 158 20.65 -22.97 17.98
C PRO B 158 21.81 -23.28 17.04
N ASP B 159 21.54 -23.93 15.92
CA ASP B 159 22.60 -24.29 14.99
C ASP B 159 23.37 -23.07 14.50
N PRO B 160 24.71 -23.11 14.57
CA PRO B 160 25.47 -21.91 14.21
C PRO B 160 25.51 -21.58 12.71
N SER B 161 25.13 -22.51 11.86
CA SER B 161 25.11 -22.29 10.42
C SER B 161 23.67 -22.00 9.92
N ASP B 162 22.71 -22.82 10.37
CA ASP B 162 21.36 -22.78 9.84
C ASP B 162 20.32 -22.34 10.84
N GLY B 163 20.78 -21.77 11.96
CA GLY B 163 19.92 -21.45 13.07
C GLY B 163 19.56 -19.98 13.15
N PHE B 164 18.70 -19.67 14.09
CA PHE B 164 18.16 -18.33 14.24
C PHE B 164 17.46 -18.24 15.57
N VAL B 165 17.20 -17.01 15.98
CA VAL B 165 16.40 -16.70 17.14
C VAL B 165 15.20 -15.90 16.65
N LEU B 166 14.05 -16.12 17.25
CA LEU B 166 12.81 -15.36 16.97
C LEU B 166 12.41 -14.52 18.18
N ILE B 167 12.27 -13.22 17.95
CA ILE B 167 12.08 -12.26 19.02
C ILE B 167 10.99 -11.24 18.59
N PRO B 168 10.08 -10.89 19.50
CA PRO B 168 9.06 -9.89 19.15
C PRO B 168 9.67 -8.55 18.83
N ASP B 169 9.03 -7.79 17.96
CA ASP B 169 9.44 -6.44 17.71
C ASP B 169 9.24 -5.66 19.01
N LEU B 170 10.13 -4.71 19.27
CA LEU B 170 10.10 -3.98 20.54
C LEU B 170 8.81 -3.17 20.70
N LYS B 171 8.26 -2.71 19.58
CA LYS B 171 7.07 -1.85 19.60
C LYS B 171 5.77 -2.63 19.61
N TRP B 172 5.84 -3.96 19.55
CA TRP B 172 4.65 -4.79 19.70
C TRP B 172 4.43 -5.14 21.18
N ASN B 173 3.43 -4.53 21.80
CA ASN B 173 3.12 -4.78 23.23
C ASN B 173 2.56 -6.18 23.58
N GLN B 174 2.42 -7.05 22.57
CA GLN B 174 1.91 -8.41 22.75
C GLN B 174 0.55 -8.44 23.45
N GLN B 175 -0.22 -7.35 23.31
CA GLN B 175 -1.50 -7.22 24.00
C GLN B 175 -2.65 -7.71 23.10
N GLN B 176 -2.39 -7.80 21.79
CA GLN B 176 -3.32 -8.40 20.83
C GLN B 176 -2.53 -8.96 19.65
N LEU B 177 -3.18 -9.82 18.88
CA LEU B 177 -2.60 -10.45 17.69
C LEU B 177 -2.74 -9.62 16.40
N ASP B 178 -3.54 -8.56 16.45
CA ASP B 178 -3.83 -7.78 15.24
C ASP B 178 -2.57 -7.18 14.62
N ASP B 179 -1.64 -6.77 15.48
CA ASP B 179 -0.36 -6.13 15.09
C ASP B 179 0.87 -6.98 15.45
N LEU B 180 0.68 -8.29 15.45
CA LEU B 180 1.73 -9.26 15.71
C LEU B 180 2.88 -9.01 14.76
N TYR B 181 4.08 -9.05 15.31
CA TYR B 181 5.31 -8.69 14.62
C TYR B 181 6.49 -9.26 15.39
N LEU B 182 7.14 -10.25 14.79
CA LEU B 182 8.38 -10.81 15.31
C LEU B 182 9.43 -10.76 14.23
N ILE B 183 10.69 -10.86 14.67
CA ILE B 183 11.83 -10.84 13.77
C ILE B 183 12.70 -12.06 14.03
N ALA B 184 13.05 -12.75 12.95
CA ALA B 184 14.02 -13.84 13.01
C ALA B 184 15.38 -13.26 12.63
N ILE B 185 16.36 -13.51 13.47
CA ILE B 185 17.73 -13.11 13.22
C ILE B 185 18.62 -14.37 13.17
N CYS B 186 19.32 -14.56 12.06
CA CYS B 186 20.15 -15.78 11.89
C CYS B 186 21.40 -15.77 12.76
N HIS B 187 21.82 -16.96 13.20
CA HIS B 187 23.05 -17.09 13.97
C HIS B 187 24.28 -16.85 13.13
N ARG B 188 24.25 -17.32 11.89
CA ARG B 188 25.38 -17.17 10.98
C ARG B 188 25.75 -15.70 10.75
N ARG B 189 27.06 -15.42 10.80
CA ARG B 189 27.55 -14.05 10.69
C ARG B 189 27.95 -13.75 9.24
N GLY B 190 27.89 -12.47 8.85
CA GLY B 190 28.34 -12.01 7.54
C GLY B 190 27.39 -12.09 6.35
N ILE B 191 26.13 -12.41 6.57
CA ILE B 191 25.13 -12.34 5.49
C ILE B 191 24.47 -10.98 5.58
N ARG B 192 24.90 -10.06 4.74
CA ARG B 192 24.53 -8.66 4.91
C ARG B 192 23.12 -8.32 4.44
N SER B 193 22.64 -9.00 3.39
CA SER B 193 21.37 -8.67 2.80
C SER B 193 21.00 -9.73 1.78
N LEU B 194 19.83 -9.54 1.15
CA LEU B 194 19.40 -10.31 -0.03
C LEU B 194 20.51 -10.61 -1.02
N ARG B 195 21.35 -9.60 -1.30
CA ARG B 195 22.42 -9.74 -2.27
C ARG B 195 23.45 -10.84 -1.96
N ASP B 196 23.55 -11.26 -0.72
CA ASP B 196 24.50 -12.30 -0.32
C ASP B 196 23.96 -13.72 -0.42
N LEU B 197 22.66 -13.84 -0.70
CA LEU B 197 21.98 -15.13 -0.60
C LEU B 197 22.30 -16.01 -1.80
N THR B 198 22.65 -17.26 -1.52
CA THR B 198 22.95 -18.30 -2.48
C THR B 198 22.24 -19.57 -2.01
N PRO B 199 22.22 -20.60 -2.87
CA PRO B 199 21.72 -21.90 -2.43
C PRO B 199 22.35 -22.46 -1.14
N GLU B 200 23.55 -22.00 -0.79
CA GLU B 200 24.16 -22.39 0.50
C GLU B 200 23.29 -22.04 1.69
N HIS B 201 22.48 -20.99 1.53
CA HIS B 201 21.62 -20.51 2.60
C HIS B 201 20.22 -21.11 2.58
N LEU B 202 19.92 -22.01 1.64
CA LEU B 202 18.56 -22.61 1.64
C LEU B 202 18.09 -23.27 2.94
N PRO B 203 18.92 -24.15 3.57
CA PRO B 203 18.59 -24.73 4.85
C PRO B 203 18.20 -23.70 5.92
N LEU B 204 18.99 -22.66 6.08
CA LEU B 204 18.69 -21.55 6.99
C LEU B 204 17.36 -20.91 6.67
N LEU B 205 17.19 -20.54 5.40
CA LEU B 205 16.00 -19.84 4.97
C LEU B 205 14.76 -20.73 5.18
N ARG B 206 14.86 -22.02 4.85
CA ARG B 206 13.75 -22.94 5.13
C ARG B 206 13.42 -23.05 6.60
N ASN B 207 14.46 -23.11 7.44
CA ASN B 207 14.30 -23.16 8.89
C ASN B 207 13.55 -21.94 9.39
N ILE B 208 13.96 -20.77 8.94
CA ILE B 208 13.29 -19.54 9.38
C ILE B 208 11.80 -19.59 9.03
N LEU B 209 11.49 -19.96 7.79
CA LEU B 209 10.10 -20.01 7.32
C LEU B 209 9.28 -21.04 8.08
N HIS B 210 9.75 -22.29 8.11
CA HIS B 210 8.94 -23.37 8.70
C HIS B 210 8.94 -23.38 10.20
N GLN B 211 10.13 -23.34 10.80
CA GLN B 211 10.20 -23.29 12.25
C GLN B 211 9.63 -22.01 12.83
N GLY B 212 9.86 -20.88 12.17
CA GLY B 212 9.32 -19.61 12.65
C GLY B 212 7.81 -19.61 12.64
N GLN B 213 7.20 -20.10 11.57
CA GLN B 213 5.73 -20.15 11.47
C GLN B 213 5.15 -21.12 12.54
N GLU B 214 5.81 -22.27 12.68
CA GLU B 214 5.42 -23.26 13.71
C GLU B 214 5.50 -22.68 15.11
N ALA B 215 6.57 -21.92 15.42
CA ALA B 215 6.72 -21.32 16.76
C ALA B 215 5.60 -20.33 17.06
N ILE B 216 5.21 -19.56 16.04
CA ILE B 216 4.14 -18.61 16.19
C ILE B 216 2.77 -19.29 16.35
N LEU B 217 2.56 -20.40 15.65
CA LEU B 217 1.36 -21.21 15.81
C LEU B 217 1.25 -21.72 17.25
N GLN B 218 2.35 -22.26 17.77
CA GLN B 218 2.40 -22.79 19.14
C GLN B 218 2.20 -21.71 20.20
N ARG B 219 2.95 -20.62 20.09
CA ARG B 219 2.96 -19.59 21.11
C ARG B 219 1.73 -18.71 21.10
N TYR B 220 1.30 -18.29 19.91
CA TYR B 220 0.26 -17.27 19.78
C TYR B 220 -1.03 -17.79 19.12
N ARG B 221 -1.03 -19.05 18.68
CA ARG B 221 -2.20 -19.68 18.04
C ARG B 221 -2.62 -18.98 16.73
N MET B 222 -1.62 -18.48 16.00
CA MET B 222 -1.83 -17.84 14.71
C MET B 222 -1.25 -18.73 13.63
N LYS B 223 -2.07 -19.09 12.64
CA LYS B 223 -1.65 -20.01 11.57
C LYS B 223 -0.78 -19.28 10.56
N GLY B 224 0.01 -20.06 9.83
CA GLY B 224 0.91 -19.52 8.80
C GLY B 224 0.24 -18.72 7.70
N ASP B 225 -0.98 -19.11 7.35
CA ASP B 225 -1.73 -18.39 6.31
C ASP B 225 -2.29 -17.05 6.81
N HIS B 226 -2.03 -16.74 8.08
CA HIS B 226 -2.30 -15.44 8.65
C HIS B 226 -1.04 -14.57 8.80
N LEU B 227 0.07 -15.05 8.26
CA LEU B 227 1.35 -14.40 8.43
C LEU B 227 1.88 -13.95 7.11
N ARG B 228 2.42 -12.74 7.09
CA ARG B 228 3.26 -12.25 6.00
C ARG B 228 4.73 -12.34 6.46
N VAL B 229 5.52 -13.09 5.73
CA VAL B 229 6.89 -13.37 6.15
C VAL B 229 7.81 -12.91 5.06
N TYR B 230 8.67 -11.94 5.38
CA TYR B 230 9.41 -11.26 4.35
C TYR B 230 10.71 -10.63 4.82
N LEU B 231 11.56 -10.28 3.86
CA LEU B 231 12.80 -9.55 4.12
C LEU B 231 12.68 -8.16 3.52
N HIS B 232 13.46 -7.21 4.05
CA HIS B 232 13.58 -5.89 3.48
C HIS B 232 14.78 -5.80 2.55
N TYR B 233 14.65 -5.05 1.48
CA TYR B 233 15.80 -4.58 0.71
C TYR B 233 15.51 -3.14 0.29
N LEU B 234 16.30 -2.15 0.70
CA LEU B 234 17.45 -2.30 1.55
C LEU B 234 17.03 -2.59 2.97
N PRO B 235 17.81 -3.41 3.69
CA PRO B 235 17.48 -3.63 5.08
C PRO B 235 17.95 -2.45 5.94
N SER B 236 17.42 -2.40 7.16
CA SER B 236 17.78 -1.33 8.12
C SER B 236 19.12 -1.55 8.85
N TYR B 237 19.56 -2.81 8.87
CA TYR B 237 20.89 -3.16 9.33
C TYR B 237 21.29 -4.38 8.53
N TYR B 238 22.60 -4.54 8.41
CA TYR B 238 23.16 -5.46 7.43
C TYR B 238 23.61 -6.76 8.06
N HIS B 239 22.63 -7.41 8.66
CA HIS B 239 22.72 -8.79 9.10
C HIS B 239 21.36 -9.41 8.86
N LEU B 240 21.32 -10.43 7.99
CA LEU B 240 20.07 -11.09 7.58
C LEU B 240 19.04 -11.28 8.70
N HIS B 241 17.85 -10.77 8.44
CA HIS B 241 16.76 -10.92 9.37
C HIS B 241 15.45 -10.91 8.59
N VAL B 242 14.44 -11.56 9.16
CA VAL B 242 13.17 -11.80 8.48
C VAL B 242 12.03 -11.34 9.39
N HIS B 243 11.08 -10.64 8.78
CA HIS B 243 9.92 -10.10 9.47
C HIS B 243 8.73 -11.05 9.35
N PHE B 244 8.07 -11.24 10.49
CA PHE B 244 6.85 -12.03 10.59
C PHE B 244 5.78 -11.12 11.13
N THR B 245 4.81 -10.73 10.29
CA THR B 245 3.70 -9.87 10.76
C THR B 245 2.37 -10.54 10.49
N ALA B 246 1.39 -10.20 11.32
CA ALA B 246 0.00 -10.52 10.99
C ALA B 246 -0.35 -9.94 9.61
N LEU B 247 -1.02 -10.73 8.80
CA LEU B 247 -1.41 -10.33 7.45
C LEU B 247 -2.31 -9.08 7.51
N GLY B 248 -3.17 -9.01 8.53
CA GLY B 248 -4.01 -7.84 8.72
C GLY B 248 -3.26 -6.57 9.07
N PHE B 249 -2.02 -6.73 9.53
CA PHE B 249 -1.17 -5.62 9.93
C PHE B 249 -0.36 -5.20 8.70
N GLU B 250 -0.69 -4.05 8.15
CA GLU B 250 -0.03 -3.58 6.95
C GLU B 250 1.16 -2.78 7.43
N ALA B 251 2.17 -3.48 7.94
CA ALA B 251 3.26 -2.82 8.66
C ALA B 251 4.10 -1.98 7.71
N PRO B 252 4.65 -0.86 8.22
CA PRO B 252 5.54 -0.09 7.38
C PRO B 252 6.72 -0.97 6.93
N GLY B 253 7.01 -0.92 5.64
CA GLY B 253 8.02 -1.76 5.05
C GLY B 253 7.50 -3.05 4.43
N SER B 254 6.18 -3.26 4.44
CA SER B 254 5.57 -4.43 3.76
C SER B 254 5.18 -4.12 2.33
N GLY B 255 5.39 -2.89 1.91
CA GLY B 255 5.16 -2.52 0.50
C GLY B 255 6.05 -3.27 -0.49
N VAL B 256 5.54 -3.46 -1.71
CA VAL B 256 6.27 -4.17 -2.76
C VAL B 256 7.64 -3.57 -3.04
N GLU B 257 7.79 -2.24 -2.83
CA GLU B 257 9.07 -1.54 -3.08
C GLU B 257 10.14 -1.81 -2.02
N ARG B 258 9.78 -2.50 -0.95
CA ARG B 258 10.75 -2.90 0.05
C ARG B 258 10.74 -4.38 0.43
N ALA B 259 9.57 -5.00 0.46
CA ALA B 259 9.41 -6.34 1.01
C ALA B 259 9.53 -7.47 -0.03
N HIS B 260 10.15 -8.57 0.41
CA HIS B 260 10.34 -9.74 -0.43
C HIS B 260 9.93 -10.96 0.37
N LEU B 261 8.91 -11.69 -0.09
CA LEU B 261 8.41 -12.85 0.62
C LEU B 261 9.49 -13.94 0.69
N LEU B 262 9.74 -14.38 1.90
CA LEU B 262 10.70 -15.46 2.18
C LEU B 262 10.42 -16.71 1.33
N ALA B 263 9.16 -17.11 1.21
CA ALA B 263 8.83 -18.27 0.37
C ALA B 263 9.29 -18.08 -1.10
N GLU B 264 9.16 -16.88 -1.63
CA GLU B 264 9.61 -16.61 -3.00
C GLU B 264 11.12 -16.48 -3.10
N VAL B 265 11.77 -15.95 -2.07
CA VAL B 265 13.23 -15.90 -2.03
C VAL B 265 13.75 -17.36 -2.16
N ILE B 266 13.18 -18.24 -1.35
CA ILE B 266 13.56 -19.67 -1.36
C ILE B 266 13.39 -20.26 -2.77
N GLU B 267 12.22 -20.04 -3.38
CA GLU B 267 11.91 -20.65 -4.71
C GLU B 267 12.74 -20.04 -5.81
N ASN B 268 13.05 -18.74 -5.71
CA ASN B 268 14.02 -18.12 -6.63
C ASN B 268 15.39 -18.80 -6.57
N LEU B 269 15.92 -18.98 -5.37
CA LEU B 269 17.21 -19.67 -5.19
C LEU B 269 17.17 -21.12 -5.71
N GLU B 270 16.02 -21.77 -5.57
CA GLU B 270 15.87 -23.16 -5.97
C GLU B 270 15.89 -23.33 -7.49
N CYS B 271 15.40 -22.37 -8.23
CA CYS B 271 15.35 -22.51 -9.69
C CYS B 271 16.28 -21.60 -10.46
N ASP B 272 16.94 -20.69 -9.74
CA ASP B 272 17.73 -19.65 -10.35
C ASP B 272 18.83 -19.29 -9.33
N PRO B 273 19.86 -20.15 -9.19
CA PRO B 273 20.78 -20.02 -8.04
C PRO B 273 21.47 -18.66 -7.88
N ARG B 274 21.79 -17.99 -8.98
CA ARG B 274 22.47 -16.69 -8.92
C ARG B 274 21.52 -15.48 -9.01
N HIS B 275 20.23 -15.73 -8.82
CA HIS B 275 19.19 -14.71 -8.95
C HIS B 275 19.57 -13.40 -8.26
N TYR B 276 19.96 -13.49 -7.00
CA TYR B 276 20.15 -12.28 -6.18
C TYR B 276 21.45 -11.56 -6.43
N GLN B 277 22.39 -12.21 -7.13
CA GLN B 277 23.59 -11.54 -7.61
C GLN B 277 23.36 -10.94 -9.01
N GLN B 278 22.53 -11.58 -9.83
CA GLN B 278 22.37 -11.17 -11.24
C GLN B 278 21.23 -10.19 -11.52
N ARG B 279 20.09 -10.34 -10.84
CA ARG B 279 18.87 -9.59 -11.16
C ARG B 279 18.84 -8.18 -10.56
N THR B 280 18.06 -7.32 -11.20
CA THR B 280 17.85 -5.96 -10.78
C THR B 280 16.81 -5.94 -9.67
N LEU B 281 17.15 -5.25 -8.59
CA LEU B 281 16.24 -5.14 -7.46
C LEU B 281 15.80 -3.67 -7.38
N THR B 282 14.56 -3.48 -6.92
CA THR B 282 13.96 -2.15 -6.84
C THR B 282 13.72 -1.79 -5.37
N PHE B 283 14.21 -0.62 -4.98
CA PHE B 283 13.98 -0.09 -3.66
C PHE B 283 13.87 1.43 -3.66
N ALA B 284 13.47 1.98 -2.52
CA ALA B 284 13.35 3.42 -2.35
C ALA B 284 14.44 3.91 -1.42
N LEU B 285 14.94 5.10 -1.70
CA LEU B 285 15.91 5.77 -0.85
C LEU B 285 15.38 7.14 -0.47
N ARG B 286 15.78 7.61 0.71
CA ARG B 286 15.47 8.98 1.11
C ARG B 286 16.15 9.93 0.12
N ALA B 287 15.46 11.01 -0.24
CA ALA B 287 15.97 11.93 -1.27
C ALA B 287 17.31 12.57 -0.89
N ASP B 288 17.61 12.65 0.40
CA ASP B 288 18.89 13.18 0.89
C ASP B 288 19.97 12.11 1.11
N ASP B 289 19.69 10.86 0.73
CA ASP B 289 20.65 9.78 0.88
C ASP B 289 21.74 9.89 -0.16
N PRO B 290 23.01 10.02 0.27
CA PRO B 290 24.10 10.09 -0.73
C PRO B 290 24.18 8.89 -1.69
N LEU B 291 23.72 7.71 -1.26
CA LEU B 291 23.68 6.55 -2.16
C LEU B 291 22.78 6.82 -3.37
N LEU B 292 21.66 7.52 -3.16
CA LEU B 292 20.75 7.86 -4.25
C LEU B 292 21.48 8.63 -5.37
N LYS B 293 22.23 9.65 -4.99
CA LYS B 293 22.97 10.46 -5.97
C LYS B 293 24.01 9.63 -6.73
N LEU B 294 24.73 8.76 -6.02
CA LEU B 294 25.70 7.88 -6.63
C LEU B 294 25.09 6.94 -7.66
N LEU B 295 23.97 6.31 -7.30
CA LEU B 295 23.26 5.41 -8.23
C LEU B 295 22.70 6.20 -9.42
N GLN B 296 22.13 7.37 -9.15
CA GLN B 296 21.62 8.23 -10.22
C GLN B 296 22.72 8.66 -11.18
N GLU B 297 23.85 9.11 -10.64
CA GLU B 297 25.00 9.55 -11.47
C GLU B 297 25.55 8.40 -12.32
N ALA B 298 25.61 7.22 -11.72
CA ALA B 298 26.12 6.02 -12.39
C ALA B 298 25.16 5.53 -13.47
N GLN B 299 23.88 5.87 -13.35
CA GLN B 299 22.84 5.41 -14.27
C GLN B 299 22.52 6.44 -15.37
N GLN B 300 23.15 7.61 -15.33
CA GLN B 300 23.03 8.57 -16.43
C GLN B 300 24.25 8.48 -17.32
#